data_9IL3
#
_entry.id   9IL3
#
_cell.length_a   100.510
_cell.length_b   100.510
_cell.length_c   36.008
_cell.angle_alpha   90.00
_cell.angle_beta   90.00
_cell.angle_gamma   120.00
#
_symmetry.space_group_name_H-M   'P 31'
#
loop_
_entity.id
_entity.type
_entity.pdbx_description
1 polymer Malectin
2 non-polymer alpha-D-glucopyranose
3 non-polymer '1,4-DIETHYLENE DIOXIDE'
4 non-polymer 'SULFATE ION'
5 water water
#
_entity_poly.entity_id   1
_entity_poly.type   'polypeptide(L)'
_entity_poly.pdbx_seq_one_letter_code
;AGLPESVIWAVNAGGEAHVDVHGIHFRKDPLEGRVGRASDYGMKLPILRSNPEDQILYQTERYNEETFGYEVPIKEEGDY
VLVLKFAEVYFAQSQQKVFDVRLNGHVVVKDLDIFDRVGHSTAHDEIIPMSIRKGKLSVQGEVSTFTGKLYIEFVKGYYD
NPKVCALYIMAGTVDDVPKLQPHP
;
_entity_poly.pdbx_strand_id   A,B
#
loop_
_chem_comp.id
_chem_comp.type
_chem_comp.name
_chem_comp.formula
DIO non-polymer '1,4-DIETHYLENE DIOXIDE' 'C4 H8 O2'
GLC D-saccharide, alpha linking alpha-D-glucopyranose 'C6 H12 O6'
SO4 non-polymer 'SULFATE ION' 'O4 S -2'
#
# COMPACT_ATOMS: atom_id res chain seq x y z
N ALA A 1 0.95 -16.93 -9.44
CA ALA A 1 0.24 -15.64 -9.48
C ALA A 1 0.79 -14.72 -10.57
N GLY A 2 -0.08 -13.93 -11.18
CA GLY A 2 0.32 -12.98 -12.21
C GLY A 2 1.06 -11.78 -11.63
N LEU A 3 1.57 -10.94 -12.55
CA LEU A 3 2.59 -9.95 -12.20
C LEU A 3 2.22 -9.01 -11.06
N PRO A 4 1.20 -8.12 -11.20
CA PRO A 4 0.94 -7.19 -10.09
C PRO A 4 0.68 -7.91 -8.77
N GLU A 5 -0.04 -9.04 -8.80
CA GLU A 5 -0.31 -9.77 -7.57
C GLU A 5 0.96 -10.35 -6.92
N SER A 6 1.98 -10.65 -7.72
CA SER A 6 3.22 -11.24 -7.22
C SER A 6 4.21 -10.23 -6.62
N VAL A 7 3.99 -8.92 -6.75
CA VAL A 7 4.89 -7.90 -6.21
C VAL A 7 4.59 -7.69 -4.72
N ILE A 8 5.60 -7.93 -3.86
CA ILE A 8 5.43 -7.80 -2.40
C ILE A 8 5.86 -6.43 -1.82
N TRP A 9 6.66 -5.64 -2.55
CA TRP A 9 7.33 -4.42 -2.04
C TRP A 9 7.93 -3.64 -3.22
N ALA A 10 7.71 -2.32 -3.30
CA ALA A 10 8.20 -1.52 -4.43
C ALA A 10 8.27 -0.02 -4.07
N VAL A 11 9.33 0.66 -4.54
CA VAL A 11 9.63 2.07 -4.15
C VAL A 11 10.07 2.91 -5.36
N ASN A 12 9.49 4.13 -5.50
CA ASN A 12 9.99 5.17 -6.41
C ASN A 12 10.93 6.10 -5.63
N ALA A 13 12.25 5.86 -5.71
CA ALA A 13 13.21 6.63 -4.91
C ALA A 13 13.23 8.11 -5.33
N GLY A 14 13.23 9.00 -4.33
CA GLY A 14 13.16 10.44 -4.56
C GLY A 14 11.85 10.98 -5.12
N GLY A 15 10.78 10.17 -5.15
CA GLY A 15 9.54 10.62 -5.74
C GLY A 15 8.25 10.21 -5.06
N GLU A 16 7.13 10.44 -5.76
CA GLU A 16 5.77 10.14 -5.33
C GLU A 16 5.28 8.81 -5.94
N ALA A 17 4.09 8.36 -5.54
CA ALA A 17 3.55 7.10 -6.06
C ALA A 17 3.37 7.15 -7.58
N HIS A 18 3.60 6.02 -8.25
CA HIS A 18 3.43 5.89 -9.69
C HIS A 18 3.09 4.44 -10.06
N VAL A 19 2.06 4.25 -10.90
CA VAL A 19 1.69 2.92 -11.41
C VAL A 19 2.18 2.78 -12.85
N ASP A 20 3.02 1.77 -13.12
CA ASP A 20 3.66 1.61 -14.42
C ASP A 20 2.74 0.89 -15.43
N VAL A 21 3.22 0.74 -16.66
CA VAL A 21 2.38 0.16 -17.73
C VAL A 21 2.08 -1.32 -17.51
N HIS A 22 2.82 -2.00 -16.63
CA HIS A 22 2.56 -3.39 -16.25
C HIS A 22 1.62 -3.53 -15.06
N GLY A 23 1.19 -2.42 -14.46
CA GLY A 23 0.33 -2.44 -13.29
C GLY A 23 1.04 -2.46 -11.96
N ILE A 24 2.37 -2.28 -11.95
CA ILE A 24 3.15 -2.30 -10.71
C ILE A 24 3.11 -0.92 -10.06
N HIS A 25 2.72 -0.89 -8.77
CA HIS A 25 2.63 0.33 -7.96
C HIS A 25 3.97 0.55 -7.25
N PHE A 26 4.73 1.56 -7.68
CA PHE A 26 5.95 2.01 -6.98
C PHE A 26 5.55 3.04 -5.92
N ARG A 27 5.74 2.70 -4.64
CA ARG A 27 5.26 3.55 -3.53
C ARG A 27 6.09 4.82 -3.37
N LYS A 28 5.48 5.88 -2.82
CA LYS A 28 6.24 7.08 -2.45
C LYS A 28 7.40 6.70 -1.52
N ASP A 29 8.54 7.40 -1.67
CA ASP A 29 9.81 7.01 -1.01
C ASP A 29 9.69 7.00 0.52
N PRO A 30 9.86 5.85 1.19
CA PRO A 30 9.80 5.84 2.67
C PRO A 30 10.99 6.49 3.38
N LEU A 31 12.08 6.80 2.67
CA LEU A 31 13.22 7.47 3.28
C LEU A 31 13.18 9.00 3.14
N GLU A 32 12.07 9.56 2.68
CA GLU A 32 11.97 11.02 2.58
C GLU A 32 12.17 11.68 3.94
N GLY A 33 13.10 12.64 3.98
CA GLY A 33 13.46 13.33 5.21
C GLY A 33 14.30 12.55 6.19
N ARG A 34 14.78 11.36 5.83
CA ARG A 34 15.34 10.41 6.78
C ARG A 34 16.84 10.20 6.58
N VAL A 35 17.25 9.50 5.52
CA VAL A 35 18.67 9.33 5.20
C VAL A 35 18.86 9.51 3.69
N GLY A 36 20.02 10.07 3.32
CA GLY A 36 20.31 10.40 1.93
C GLY A 36 19.65 11.69 1.47
N ARG A 37 19.70 11.93 0.15
CA ARG A 37 19.22 13.15 -0.48
C ARG A 37 18.38 12.84 -1.71
N ALA A 38 17.17 13.41 -1.79
CA ALA A 38 16.34 13.28 -2.99
C ALA A 38 16.76 14.32 -4.04
N SER A 39 16.67 13.95 -5.33
CA SER A 39 16.90 14.90 -6.42
C SER A 39 15.96 14.65 -7.59
N ASP A 40 15.29 15.72 -8.05
CA ASP A 40 14.48 15.70 -9.27
C ASP A 40 15.17 16.37 -10.47
N TYR A 41 16.51 16.43 -10.45
CA TYR A 41 17.29 17.06 -11.53
C TYR A 41 16.94 16.47 -12.90
N GLY A 42 16.74 15.15 -12.98
CA GLY A 42 16.43 14.48 -14.24
C GLY A 42 15.08 14.83 -14.87
N MET A 43 14.18 15.55 -14.17
CA MET A 43 12.88 15.85 -14.77
C MET A 43 12.97 16.78 -15.99
N LYS A 44 14.13 17.38 -16.25
CA LYS A 44 14.33 18.20 -17.44
C LYS A 44 14.70 17.39 -18.68
N LEU A 45 14.98 16.09 -18.55
CA LEU A 45 15.58 15.30 -19.62
C LEU A 45 14.66 14.18 -20.08
N PRO A 46 14.54 13.94 -21.40
CA PRO A 46 13.90 12.72 -21.87
C PRO A 46 14.80 11.52 -21.59
N ILE A 47 14.21 10.41 -21.13
CA ILE A 47 14.96 9.21 -20.78
C ILE A 47 14.82 8.17 -21.89
N LEU A 48 15.92 7.85 -22.57
CA LEU A 48 15.89 6.85 -23.64
C LEU A 48 15.72 5.44 -23.06
N ARG A 49 15.17 4.55 -23.90
CA ARG A 49 14.99 3.12 -23.62
C ARG A 49 13.78 2.84 -22.75
N SER A 50 13.45 3.74 -21.82
CA SER A 50 12.26 3.60 -20.98
C SER A 50 11.00 3.90 -21.78
N ASN A 51 9.91 3.25 -21.39
CA ASN A 51 8.63 3.60 -21.92
C ASN A 51 8.27 5.02 -21.47
N PRO A 52 7.76 5.88 -22.35
CA PRO A 52 7.65 7.31 -22.00
C PRO A 52 6.62 7.66 -20.93
N GLU A 53 5.54 6.88 -20.75
CA GLU A 53 4.65 7.11 -19.61
C GLU A 53 5.29 6.85 -18.25
N ASP A 54 6.44 6.16 -18.20
CA ASP A 54 7.06 5.76 -16.95
C ASP A 54 8.40 6.45 -16.69
N GLN A 55 8.78 7.46 -17.48
CA GLN A 55 10.10 8.06 -17.33
C GLN A 55 10.30 8.75 -15.98
N ILE A 56 9.22 9.17 -15.30
CA ILE A 56 9.33 9.78 -13.97
C ILE A 56 10.09 8.88 -12.98
N LEU A 57 10.04 7.54 -13.16
CA LEU A 57 10.77 6.65 -12.26
C LEU A 57 12.29 6.89 -12.33
N TYR A 58 12.81 7.13 -13.54
CA TYR A 58 14.23 7.33 -13.81
C TYR A 58 14.68 8.79 -13.66
N GLN A 59 13.75 9.76 -13.67
CA GLN A 59 14.01 11.20 -13.54
C GLN A 59 14.16 11.65 -12.08
N THR A 60 13.75 10.81 -11.11
CA THR A 60 13.89 11.05 -9.67
C THR A 60 14.81 10.01 -9.05
N GLU A 61 15.63 10.42 -8.06
CA GLU A 61 16.63 9.53 -7.44
C GLU A 61 16.79 9.84 -5.94
N ARG A 62 17.40 8.88 -5.21
CA ARG A 62 18.05 9.13 -3.91
C ARG A 62 19.54 8.83 -4.05
N TYR A 63 20.42 9.75 -3.59
CA TYR A 63 21.87 9.59 -3.59
C TYR A 63 22.48 10.03 -2.26
N ASN A 64 23.78 9.75 -2.05
CA ASN A 64 24.42 10.15 -0.79
C ASN A 64 25.95 10.13 -0.94
N GLU A 65 26.63 10.95 -0.12
CA GLU A 65 28.11 10.99 -0.10
C GLU A 65 28.71 9.95 0.84
N GLU A 66 27.89 9.16 1.54
CA GLU A 66 28.30 8.00 2.33
C GLU A 66 27.36 6.83 2.02
N THR A 67 27.78 5.61 2.41
CA THR A 67 26.97 4.41 2.22
C THR A 67 25.58 4.55 2.86
N PHE A 68 24.53 4.06 2.16
CA PHE A 68 23.14 4.09 2.64
C PHE A 68 22.35 2.89 2.11
N GLY A 69 21.17 2.64 2.68
CA GLY A 69 20.38 1.49 2.23
C GLY A 69 18.92 1.48 2.69
N TYR A 70 18.17 0.47 2.17
CA TYR A 70 16.77 0.21 2.49
C TYR A 70 16.63 -1.14 3.23
N GLU A 71 15.77 -1.19 4.24
CA GLU A 71 15.41 -2.43 4.94
C GLU A 71 14.06 -2.94 4.45
N VAL A 72 13.96 -4.24 4.16
CA VAL A 72 12.76 -4.85 3.60
C VAL A 72 12.29 -6.02 4.46
N PRO A 73 11.07 -6.01 5.01
CA PRO A 73 10.54 -7.22 5.68
C PRO A 73 10.03 -8.23 4.67
N ILE A 74 10.40 -9.51 4.85
CA ILE A 74 9.94 -10.60 3.98
C ILE A 74 9.22 -11.65 4.84
N LYS A 75 7.90 -11.81 4.64
CA LYS A 75 7.03 -12.57 5.55
C LYS A 75 7.12 -14.09 5.37
N GLU A 76 7.28 -14.59 4.13
CA GLU A 76 7.15 -16.01 3.84
C GLU A 76 8.35 -16.55 3.07
N GLU A 77 8.66 -17.83 3.25
CA GLU A 77 9.69 -18.49 2.43
C GLU A 77 9.25 -18.62 0.97
N GLY A 78 10.24 -18.67 0.07
CA GLY A 78 9.98 -18.85 -1.35
C GLY A 78 11.12 -18.35 -2.22
N ASP A 79 10.90 -18.45 -3.55
CA ASP A 79 11.80 -17.86 -4.54
C ASP A 79 11.36 -16.44 -4.90
N TYR A 80 12.34 -15.52 -5.01
CA TYR A 80 12.07 -14.10 -5.29
C TYR A 80 13.09 -13.55 -6.31
N VAL A 81 12.74 -12.42 -6.95
CA VAL A 81 13.65 -11.66 -7.81
C VAL A 81 13.63 -10.18 -7.40
N LEU A 82 14.81 -9.61 -7.16
CA LEU A 82 14.99 -8.17 -6.92
C LEU A 82 15.39 -7.45 -8.21
N VAL A 83 14.66 -6.38 -8.57
CA VAL A 83 14.95 -5.54 -9.74
C VAL A 83 15.30 -4.12 -9.28
N LEU A 84 16.48 -3.63 -9.72
CA LEU A 84 16.99 -2.29 -9.41
C LEU A 84 17.11 -1.45 -10.67
N LYS A 85 16.52 -0.24 -10.67
CA LYS A 85 16.46 0.66 -11.83
C LYS A 85 17.35 1.90 -11.63
N PHE A 86 18.14 2.26 -12.67
CA PHE A 86 19.12 3.35 -12.63
C PHE A 86 19.14 4.16 -13.93
N ALA A 87 19.61 5.43 -13.85
CA ALA A 87 19.97 6.27 -14.99
C ALA A 87 21.04 7.27 -14.57
N GLU A 88 21.98 7.59 -15.50
CA GLU A 88 23.04 8.61 -15.27
C GLU A 88 22.60 9.93 -15.91
N VAL A 89 22.15 10.88 -15.08
CA VAL A 89 21.58 12.15 -15.56
C VAL A 89 22.55 13.33 -15.47
N TYR A 90 23.83 13.07 -15.12
CA TYR A 90 24.84 14.13 -14.93
C TYR A 90 26.10 13.92 -15.78
N PHE A 91 26.78 12.78 -15.64
CA PHE A 91 28.06 12.51 -16.31
C PHE A 91 27.88 11.91 -17.71
N ALA A 92 28.95 12.01 -18.52
CA ALA A 92 28.95 11.47 -19.89
C ALA A 92 30.36 10.96 -20.30
N GLN A 93 31.09 10.37 -19.34
CA GLN A 93 32.35 9.64 -19.56
C GLN A 93 32.39 8.47 -18.58
N SER A 94 33.20 7.44 -18.88
CA SER A 94 33.39 6.32 -17.95
C SER A 94 34.33 6.70 -16.78
N GLN A 95 34.24 5.90 -15.71
CA GLN A 95 35.02 6.10 -14.48
C GLN A 95 34.84 7.51 -13.89
N GLN A 96 33.61 8.02 -13.94
CA GLN A 96 33.21 9.25 -13.23
C GLN A 96 32.37 8.95 -11.99
N LYS A 97 31.36 8.06 -12.10
CA LYS A 97 30.55 7.56 -10.99
C LYS A 97 30.58 6.02 -11.01
N VAL A 98 31.08 5.39 -9.93
CA VAL A 98 31.22 3.93 -9.82
C VAL A 98 30.91 3.50 -8.37
N PHE A 99 30.12 2.44 -8.18
CA PHE A 99 29.76 1.98 -6.82
C PHE A 99 29.36 0.50 -6.80
N ASP A 100 29.49 -0.14 -5.62
CA ASP A 100 29.07 -1.52 -5.38
C ASP A 100 27.64 -1.56 -4.80
N VAL A 101 26.95 -2.70 -5.01
CA VAL A 101 25.67 -3.00 -4.36
C VAL A 101 25.81 -4.29 -3.54
N ARG A 102 25.35 -4.25 -2.28
CA ARG A 102 25.41 -5.40 -1.34
C ARG A 102 24.03 -5.80 -0.81
N LEU A 103 23.87 -7.10 -0.55
CA LEU A 103 22.64 -7.67 -0.01
C LEU A 103 23.00 -8.49 1.22
N ASN A 104 22.58 -8.04 2.41
CA ASN A 104 22.97 -8.70 3.68
C ASN A 104 24.48 -8.93 3.74
N GLY A 105 25.26 -7.98 3.22
CA GLY A 105 26.70 -8.08 3.20
C GLY A 105 27.31 -8.73 1.96
N HIS A 106 26.55 -9.49 1.19
CA HIS A 106 27.09 -10.15 -0.01
C HIS A 106 27.19 -9.12 -1.14
N VAL A 107 28.33 -9.02 -1.79
CA VAL A 107 28.47 -8.10 -2.93
C VAL A 107 27.80 -8.74 -4.15
N VAL A 108 26.70 -8.15 -4.62
CA VAL A 108 25.94 -8.71 -5.73
C VAL A 108 26.14 -7.98 -7.07
N VAL A 109 26.58 -6.72 -7.05
CA VAL A 109 27.03 -5.99 -8.24
C VAL A 109 28.33 -5.28 -7.88
N LYS A 110 29.42 -5.63 -8.59
CA LYS A 110 30.74 -5.05 -8.35
C LYS A 110 31.06 -3.98 -9.39
N ASP A 111 31.44 -2.78 -8.92
CA ASP A 111 31.91 -1.68 -9.79
C ASP A 111 30.88 -1.29 -10.86
N LEU A 112 29.65 -1.00 -10.44
CA LEU A 112 28.61 -0.52 -11.35
C LEU A 112 28.94 0.88 -11.88
N ASP A 113 29.10 1.00 -13.21
CA ASP A 113 29.35 2.25 -13.94
C ASP A 113 28.20 2.41 -14.95
N ILE A 114 27.15 3.15 -14.55
CA ILE A 114 25.92 3.27 -15.36
C ILE A 114 26.24 3.81 -16.75
N PHE A 115 27.03 4.90 -16.84
CA PHE A 115 27.36 5.47 -18.15
C PHE A 115 28.07 4.44 -19.04
N ASP A 116 29.05 3.70 -18.50
CA ASP A 116 29.80 2.74 -19.32
C ASP A 116 28.87 1.73 -19.98
N ARG A 117 27.80 1.30 -19.27
CA ARG A 117 26.91 0.23 -19.72
C ARG A 117 25.87 0.72 -20.75
N VAL A 118 25.34 1.95 -20.60
CA VAL A 118 24.19 2.39 -21.40
C VAL A 118 24.27 3.79 -22.00
N GLY A 119 25.22 4.63 -21.57
CA GLY A 119 25.29 6.02 -22.03
C GLY A 119 24.62 7.02 -21.08
N HIS A 120 24.43 8.26 -21.56
CA HIS A 120 23.83 9.37 -20.80
C HIS A 120 22.31 9.35 -20.95
N SER A 121 21.59 9.64 -19.85
CA SER A 121 20.13 9.83 -19.85
C SER A 121 19.37 8.64 -20.46
N THR A 122 19.75 7.41 -20.04
CA THR A 122 19.25 6.14 -20.59
C THR A 122 19.03 5.12 -19.47
N ALA A 123 17.91 4.38 -19.52
CA ALA A 123 17.58 3.38 -18.50
C ALA A 123 18.53 2.17 -18.48
N HIS A 124 18.89 1.69 -17.26
CA HIS A 124 19.68 0.47 -17.01
C HIS A 124 19.12 -0.27 -15.79
N ASP A 125 18.79 -1.56 -15.93
CA ASP A 125 18.26 -2.38 -14.82
C ASP A 125 19.20 -3.55 -14.47
N GLU A 126 19.35 -3.83 -13.17
CA GLU A 126 20.00 -5.06 -12.66
C GLU A 126 18.94 -6.02 -12.12
N ILE A 127 19.08 -7.32 -12.45
CA ILE A 127 18.10 -8.36 -12.11
C ILE A 127 18.81 -9.44 -11.27
N ILE A 128 18.36 -9.63 -10.02
CA ILE A 128 19.06 -10.44 -9.02
C ILE A 128 18.11 -11.48 -8.42
N PRO A 129 18.20 -12.75 -8.85
CA PRO A 129 17.38 -13.81 -8.24
C PRO A 129 17.92 -14.25 -6.88
N MET A 130 17.01 -14.70 -6.01
CA MET A 130 17.35 -15.17 -4.66
C MET A 130 16.32 -16.17 -4.15
N SER A 131 16.69 -16.89 -3.07
CA SER A 131 15.82 -17.84 -2.40
C SER A 131 15.89 -17.64 -0.88
N ILE A 132 14.74 -17.77 -0.22
CA ILE A 132 14.66 -17.73 1.25
C ILE A 132 13.98 -19.03 1.70
N ARG A 133 14.74 -19.92 2.32
CA ARG A 133 14.26 -21.25 2.68
C ARG A 133 15.05 -21.83 3.86
N LYS A 134 14.34 -22.50 4.77
CA LYS A 134 14.95 -23.21 5.90
C LYS A 134 15.82 -22.31 6.77
N GLY A 135 15.37 -21.06 6.94
CA GLY A 135 16.07 -20.07 7.73
C GLY A 135 17.27 -19.42 7.07
N LYS A 136 17.48 -19.60 5.75
CA LYS A 136 18.66 -19.08 5.05
C LYS A 136 18.29 -18.20 3.85
N LEU A 137 19.15 -17.21 3.57
CA LEU A 137 19.17 -16.47 2.31
C LEU A 137 20.23 -17.08 1.39
N SER A 138 19.87 -17.32 0.12
CA SER A 138 20.80 -17.80 -0.90
C SER A 138 20.79 -16.85 -2.10
N VAL A 139 21.98 -16.35 -2.46
CA VAL A 139 22.13 -15.42 -3.58
C VAL A 139 23.50 -15.61 -4.22
N GLN A 140 23.52 -15.81 -5.54
CA GLN A 140 24.77 -16.00 -6.31
C GLN A 140 25.66 -17.11 -5.74
N GLY A 141 25.03 -18.17 -5.23
CA GLY A 141 25.78 -19.30 -4.73
C GLY A 141 26.27 -19.19 -3.30
N GLU A 142 26.05 -18.06 -2.62
CA GLU A 142 26.44 -17.88 -1.23
C GLU A 142 25.23 -17.91 -0.29
N VAL A 143 25.44 -18.41 0.93
CA VAL A 143 24.37 -18.69 1.89
C VAL A 143 24.69 -18.10 3.26
N SER A 144 23.68 -17.51 3.92
CA SER A 144 23.81 -16.98 5.27
C SER A 144 22.45 -16.96 5.97
N THR A 145 22.48 -16.73 7.30
CA THR A 145 21.27 -16.80 8.12
C THR A 145 20.32 -15.62 7.85
N PHE A 146 19.04 -15.91 7.63
CA PHE A 146 18.02 -14.88 7.40
C PHE A 146 17.14 -14.70 8.64
N THR A 147 17.01 -13.44 9.10
CA THR A 147 16.32 -13.09 10.34
C THR A 147 14.89 -12.56 10.15
N GLY A 148 14.47 -12.31 8.92
CA GLY A 148 13.19 -11.67 8.65
C GLY A 148 13.30 -10.38 7.86
N LYS A 149 14.49 -9.77 7.78
CA LYS A 149 14.71 -8.50 7.09
C LYS A 149 15.89 -8.59 6.13
N LEU A 150 15.72 -8.00 4.93
CA LEU A 150 16.79 -7.91 3.92
C LEU A 150 17.31 -6.47 3.89
N TYR A 151 18.65 -6.30 3.90
CA TYR A 151 19.28 -4.97 3.87
C TYR A 151 19.98 -4.74 2.53
N ILE A 152 19.45 -3.80 1.74
CA ILE A 152 19.94 -3.48 0.38
C ILE A 152 20.78 -2.22 0.47
N GLU A 153 22.10 -2.32 0.23
CA GLU A 153 23.05 -1.22 0.46
C GLU A 153 23.73 -0.75 -0.84
N PHE A 154 23.90 0.59 -0.96
CA PHE A 154 24.61 1.24 -2.05
C PHE A 154 25.87 1.91 -1.46
N VAL A 155 27.07 1.42 -1.87
CA VAL A 155 28.35 1.61 -1.13
C VAL A 155 29.17 2.75 -1.73
N LYS A 156 29.66 3.68 -0.87
CA LYS A 156 30.48 4.82 -1.31
C LYS A 156 31.93 4.39 -1.55
N GLY A 157 32.43 4.63 -2.77
CA GLY A 157 33.83 4.45 -3.12
C GLY A 157 34.52 5.77 -3.46
N TYR A 158 35.50 5.74 -4.37
CA TYR A 158 36.26 6.95 -4.70
C TYR A 158 35.62 7.82 -5.78
N TYR A 159 34.83 7.23 -6.70
CA TYR A 159 34.32 7.92 -7.88
C TYR A 159 32.86 8.37 -7.67
N ASP A 160 32.67 9.63 -7.28
CA ASP A 160 31.34 10.23 -7.05
C ASP A 160 30.48 9.43 -6.05
N ASN A 161 29.14 9.51 -6.17
CA ASN A 161 28.21 9.09 -5.12
C ASN A 161 27.31 7.92 -5.54
N PRO A 162 27.07 6.94 -4.65
CA PRO A 162 26.07 5.89 -4.95
C PRO A 162 24.65 6.47 -5.08
N LYS A 163 23.82 5.81 -5.90
CA LYS A 163 22.45 6.27 -6.17
C LYS A 163 21.54 5.11 -6.58
N VAL A 164 20.22 5.35 -6.51
CA VAL A 164 19.20 4.44 -7.05
C VAL A 164 17.95 5.23 -7.48
N CYS A 165 17.27 4.76 -8.54
CA CYS A 165 16.07 5.44 -9.06
C CYS A 165 14.74 4.77 -8.65
N ALA A 166 14.65 3.44 -8.73
CA ALA A 166 13.46 2.70 -8.28
C ALA A 166 13.84 1.24 -8.04
N LEU A 167 12.98 0.51 -7.31
CA LEU A 167 13.26 -0.89 -6.98
C LEU A 167 11.98 -1.68 -6.63
N TYR A 168 11.99 -3.00 -6.93
CA TYR A 168 10.86 -3.87 -6.57
C TYR A 168 11.30 -5.31 -6.36
N ILE A 169 10.51 -6.06 -5.55
CA ILE A 169 10.71 -7.49 -5.30
C ILE A 169 9.42 -8.26 -5.65
N MET A 170 9.55 -9.31 -6.49
CA MET A 170 8.41 -10.14 -6.86
C MET A 170 8.68 -11.61 -6.53
N ALA A 171 7.61 -12.35 -6.19
CA ALA A 171 7.70 -13.80 -6.03
C ALA A 171 7.70 -14.47 -7.39
N GLY A 172 8.70 -15.34 -7.64
CA GLY A 172 8.85 -16.00 -8.93
C GLY A 172 10.33 -16.17 -9.31
N THR A 173 10.57 -16.42 -10.60
CA THR A 173 11.92 -16.64 -11.14
C THR A 173 12.17 -15.67 -12.30
N VAL A 174 13.39 -15.71 -12.85
CA VAL A 174 13.85 -14.67 -13.77
C VAL A 174 13.03 -14.64 -15.08
N ASP A 175 12.52 -15.78 -15.53
CA ASP A 175 11.73 -15.78 -16.76
C ASP A 175 10.42 -14.99 -16.62
N ASP A 176 9.97 -14.70 -15.40
CA ASP A 176 8.74 -13.95 -15.14
C ASP A 176 8.91 -12.44 -15.19
N VAL A 177 10.15 -11.93 -15.24
CA VAL A 177 10.45 -10.50 -15.10
C VAL A 177 10.40 -9.77 -16.44
N PRO A 178 9.66 -8.67 -16.59
CA PRO A 178 9.73 -7.90 -17.84
C PRO A 178 11.12 -7.30 -18.08
N LYS A 179 11.60 -7.42 -19.32
CA LYS A 179 12.94 -6.99 -19.71
C LYS A 179 12.90 -5.70 -20.52
N LEU A 180 13.89 -4.82 -20.31
CA LEU A 180 14.06 -3.63 -21.15
C LEU A 180 14.43 -4.06 -22.59
N GLN A 181 14.10 -3.22 -23.57
CA GLN A 181 14.44 -3.55 -24.96
C GLN A 181 15.96 -3.64 -25.16
N PRO A 182 16.42 -4.42 -26.15
CA PRO A 182 17.87 -4.53 -26.40
C PRO A 182 18.49 -3.17 -26.72
N HIS A 183 19.74 -2.97 -26.27
CA HIS A 183 20.41 -1.68 -26.42
C HIS A 183 21.89 -1.88 -26.71
N PRO A 184 22.46 -1.18 -27.71
CA PRO A 184 23.86 -1.30 -28.12
C PRO A 184 24.84 -1.18 -26.97
N ALA B 1 -39.40 -0.05 3.53
CA ALA B 1 -38.92 1.08 2.74
C ALA B 1 -37.74 0.69 1.85
N GLY B 2 -37.67 1.29 0.66
CA GLY B 2 -36.59 1.00 -0.27
C GLY B 2 -35.26 1.55 0.20
N LEU B 3 -34.21 1.20 -0.56
CA LEU B 3 -32.83 1.36 -0.08
C LEU B 3 -32.45 2.80 0.29
N PRO B 4 -32.47 3.78 -0.63
CA PRO B 4 -32.06 5.14 -0.21
C PRO B 4 -32.86 5.64 0.98
N GLU B 5 -34.19 5.40 0.99
CA GLU B 5 -35.02 5.88 2.10
C GLU B 5 -34.66 5.24 3.42
N SER B 6 -34.15 3.99 3.42
CA SER B 6 -33.83 3.25 4.63
C SER B 6 -32.47 3.61 5.26
N VAL B 7 -31.62 4.41 4.61
CA VAL B 7 -30.31 4.79 5.16
C VAL B 7 -30.49 5.99 6.11
N ILE B 8 -30.08 5.81 7.38
CA ILE B 8 -30.22 6.85 8.41
C ILE B 8 -28.96 7.72 8.61
N TRP B 9 -27.78 7.25 8.19
CA TRP B 9 -26.48 7.88 8.52
C TRP B 9 -25.41 7.25 7.61
N ALA B 10 -24.53 8.06 6.98
CA ALA B 10 -23.50 7.56 6.07
C ALA B 10 -22.35 8.57 5.90
N VAL B 11 -21.10 8.08 5.84
CA VAL B 11 -19.89 8.92 5.83
C VAL B 11 -18.86 8.42 4.79
N ASN B 12 -18.31 9.35 3.99
CA ASN B 12 -17.11 9.10 3.16
C ASN B 12 -15.87 9.56 3.94
N ALA B 13 -15.20 8.63 4.64
CA ALA B 13 -14.06 8.99 5.50
C ALA B 13 -12.90 9.54 4.67
N GLY B 14 -12.30 10.65 5.15
CA GLY B 14 -11.22 11.32 4.44
C GLY B 14 -11.63 12.05 3.17
N GLY B 15 -12.92 12.19 2.89
CA GLY B 15 -13.35 12.77 1.62
C GLY B 15 -14.55 13.70 1.64
N GLU B 16 -15.03 14.03 0.44
CA GLU B 16 -16.17 14.92 0.18
C GLU B 16 -17.43 14.09 -0.08
N ALA B 17 -18.57 14.76 -0.22
CA ALA B 17 -19.83 14.07 -0.49
C ALA B 17 -19.77 13.28 -1.79
N HIS B 18 -20.42 12.11 -1.82
CA HIS B 18 -20.50 11.26 -3.01
C HIS B 18 -21.77 10.42 -2.97
N VAL B 19 -22.52 10.39 -4.09
CA VAL B 19 -23.71 9.54 -4.23
C VAL B 19 -23.36 8.32 -5.08
N ASP B 20 -23.56 7.12 -4.53
CA ASP B 20 -23.13 5.87 -5.18
C ASP B 20 -24.18 5.39 -6.21
N VAL B 21 -23.86 4.28 -6.90
CA VAL B 21 -24.74 3.78 -7.97
C VAL B 21 -26.08 3.26 -7.45
N HIS B 22 -26.20 2.99 -6.15
CA HIS B 22 -27.46 2.58 -5.53
C HIS B 22 -28.28 3.76 -5.00
N GLY B 23 -27.78 4.99 -5.13
CA GLY B 23 -28.47 6.16 -4.64
C GLY B 23 -28.16 6.55 -3.20
N ILE B 24 -27.16 5.92 -2.58
CA ILE B 24 -26.79 6.22 -1.20
C ILE B 24 -25.83 7.40 -1.16
N HIS B 25 -26.18 8.42 -0.36
CA HIS B 25 -25.39 9.64 -0.17
C HIS B 25 -24.42 9.43 1.00
N PHE B 26 -23.12 9.28 0.70
CA PHE B 26 -22.06 9.27 1.72
C PHE B 26 -21.64 10.71 2.02
N ARG B 27 -21.89 11.19 3.25
CA ARG B 27 -21.66 12.61 3.57
C ARG B 27 -20.17 12.92 3.70
N LYS B 28 -19.82 14.20 3.48
CA LYS B 28 -18.46 14.66 3.77
C LYS B 28 -18.08 14.36 5.22
N ASP B 29 -16.80 14.04 5.45
CA ASP B 29 -16.32 13.49 6.74
C ASP B 29 -16.55 14.46 7.91
N PRO B 30 -17.37 14.12 8.92
CA PRO B 30 -17.56 15.03 10.07
C PRO B 30 -16.34 15.17 10.99
N LEU B 31 -15.35 14.27 10.89
CA LEU B 31 -14.15 14.38 11.72
C LEU B 31 -13.02 15.18 11.07
N GLU B 32 -13.28 15.85 9.94
CA GLU B 32 -12.26 16.66 9.30
C GLU B 32 -11.75 17.75 10.25
N GLY B 33 -10.43 17.82 10.42
CA GLY B 33 -9.80 18.73 11.36
C GLY B 33 -9.91 18.36 12.81
N ARG B 34 -10.52 17.21 13.10
CA ARG B 34 -10.70 16.72 14.47
C ARG B 34 -9.79 15.52 14.68
N VAL B 35 -10.25 14.41 15.23
CA VAL B 35 -9.37 13.29 15.56
C VAL B 35 -8.99 12.51 14.30
N GLY B 36 -7.78 11.96 14.32
CA GLY B 36 -7.26 11.16 13.22
C GLY B 36 -6.64 11.98 12.10
N ARG B 37 -6.29 11.29 11.02
CA ARG B 37 -5.61 11.86 9.86
C ARG B 37 -6.29 11.43 8.57
N ALA B 38 -6.65 12.38 7.71
CA ALA B 38 -7.17 12.07 6.38
C ALA B 38 -6.02 11.79 5.41
N SER B 39 -6.25 10.85 4.46
CA SER B 39 -5.28 10.60 3.39
C SER B 39 -5.97 10.30 2.05
N ASP B 40 -5.53 11.01 1.00
CA ASP B 40 -5.95 10.74 -0.38
C ASP B 40 -4.89 9.98 -1.20
N TYR B 41 -4.00 9.25 -0.52
CA TYR B 41 -2.93 8.51 -1.20
C TYR B 41 -3.47 7.56 -2.27
N GLY B 42 -4.58 6.87 -1.98
CA GLY B 42 -5.16 5.90 -2.91
C GLY B 42 -5.70 6.47 -4.21
N MET B 43 -5.77 7.80 -4.36
CA MET B 43 -6.36 8.42 -5.54
C MET B 43 -5.52 8.18 -6.79
N LYS B 44 -4.31 7.66 -6.64
CA LYS B 44 -3.44 7.30 -7.77
C LYS B 44 -3.70 5.89 -8.29
N LEU B 45 -4.52 5.08 -7.62
CA LEU B 45 -4.62 3.64 -7.90
C LEU B 45 -6.02 3.23 -8.35
N PRO B 46 -6.14 2.39 -9.38
CA PRO B 46 -7.44 1.75 -9.66
C PRO B 46 -7.78 0.75 -8.58
N ILE B 47 -9.04 0.75 -8.14
CA ILE B 47 -9.52 -0.13 -7.06
C ILE B 47 -10.29 -1.30 -7.67
N LEU B 48 -9.75 -2.52 -7.53
CA LEU B 48 -10.43 -3.69 -8.07
C LEU B 48 -11.66 -4.05 -7.25
N ARG B 49 -12.60 -4.74 -7.90
CA ARG B 49 -13.81 -5.29 -7.29
C ARG B 49 -14.92 -4.24 -7.13
N SER B 50 -14.56 -3.00 -6.81
CA SER B 50 -15.51 -1.89 -6.70
C SER B 50 -16.03 -1.48 -8.08
N ASN B 51 -17.25 -0.96 -8.09
CA ASN B 51 -17.77 -0.34 -9.29
C ASN B 51 -16.94 0.90 -9.60
N PRO B 52 -16.53 1.12 -10.85
CA PRO B 52 -15.55 2.20 -11.14
C PRO B 52 -16.06 3.61 -10.88
N GLU B 53 -17.36 3.88 -11.00
CA GLU B 53 -17.88 5.21 -10.66
C GLU B 53 -17.78 5.55 -9.17
N ASP B 54 -17.57 4.56 -8.31
CA ASP B 54 -17.59 4.74 -6.87
C ASP B 54 -16.21 4.51 -6.21
N GLN B 55 -15.14 4.40 -7.00
CA GLN B 55 -13.84 4.06 -6.41
C GLN B 55 -13.29 5.15 -5.49
N ILE B 56 -13.76 6.41 -5.63
CA ILE B 56 -13.34 7.48 -4.73
C ILE B 56 -13.63 7.14 -3.25
N LEU B 57 -14.65 6.31 -2.98
CA LEU B 57 -14.95 5.93 -1.59
C LEU B 57 -13.78 5.18 -0.95
N TYR B 58 -13.13 4.30 -1.73
CA TYR B 58 -12.04 3.43 -1.29
C TYR B 58 -10.65 4.08 -1.44
N GLN B 59 -10.53 5.15 -2.24
CA GLN B 59 -9.28 5.89 -2.49
C GLN B 59 -9.00 6.95 -1.42
N THR B 60 -9.99 7.27 -0.57
CA THR B 60 -9.85 8.19 0.56
C THR B 60 -10.08 7.45 1.88
N GLU B 61 -9.34 7.82 2.94
CA GLU B 61 -9.42 7.14 4.23
C GLU B 61 -9.21 8.11 5.41
N ARG B 62 -9.61 7.66 6.61
CA ARG B 62 -9.13 8.21 7.89
C ARG B 62 -8.38 7.10 8.65
N TYR B 63 -7.17 7.41 9.15
CA TYR B 63 -6.34 6.47 9.94
C TYR B 63 -5.73 7.19 11.16
N ASN B 64 -5.14 6.43 12.08
CA ASN B 64 -4.52 7.03 13.27
C ASN B 64 -3.54 6.07 13.93
N GLU B 65 -2.54 6.63 14.64
CA GLU B 65 -1.55 5.85 15.41
C GLU B 65 -2.05 5.49 16.82
N GLU B 66 -3.25 5.94 17.20
CA GLU B 66 -3.93 5.55 18.44
C GLU B 66 -5.40 5.22 18.12
N THR B 67 -6.07 4.52 19.03
CA THR B 67 -7.49 4.18 18.87
C THR B 67 -8.34 5.44 18.62
N PHE B 68 -9.32 5.35 17.70
CA PHE B 68 -10.25 6.44 17.39
C PHE B 68 -11.62 5.87 16.97
N GLY B 69 -12.64 6.75 16.93
CA GLY B 69 -13.98 6.31 16.54
C GLY B 69 -14.97 7.40 16.16
N TYR B 70 -16.15 6.96 15.68
CA TYR B 70 -17.30 7.81 15.31
C TYR B 70 -18.46 7.57 16.27
N GLU B 71 -19.17 8.64 16.63
CA GLU B 71 -20.37 8.57 17.48
C GLU B 71 -21.61 8.80 16.60
N VAL B 72 -22.63 7.94 16.74
CA VAL B 72 -23.81 7.95 15.88
C VAL B 72 -25.07 8.08 16.73
N PRO B 73 -25.91 9.10 16.54
CA PRO B 73 -27.23 9.12 17.20
C PRO B 73 -28.23 8.22 16.48
N ILE B 74 -28.98 7.42 17.25
CA ILE B 74 -30.04 6.55 16.70
C ILE B 74 -31.37 6.89 17.38
N LYS B 75 -32.32 7.45 16.61
CA LYS B 75 -33.54 8.06 17.13
C LYS B 75 -34.63 7.04 17.54
N GLU B 76 -34.77 5.91 16.82
CA GLU B 76 -35.91 5.01 16.99
C GLU B 76 -35.48 3.56 17.17
N GLU B 77 -36.28 2.78 17.90
CA GLU B 77 -36.04 1.34 18.01
C GLU B 77 -36.26 0.62 16.67
N GLY B 78 -35.59 -0.52 16.49
CA GLY B 78 -35.76 -1.32 15.29
C GLY B 78 -34.57 -2.20 15.00
N ASP B 79 -34.65 -2.92 13.87
CA ASP B 79 -33.55 -3.72 13.33
C ASP B 79 -32.72 -2.89 12.33
N TYR B 80 -31.38 -2.99 12.44
CA TYR B 80 -30.46 -2.22 11.60
C TYR B 80 -29.30 -3.09 11.11
N VAL B 81 -28.60 -2.64 10.05
CA VAL B 81 -27.34 -3.26 9.58
C VAL B 81 -26.28 -2.18 9.40
N LEU B 82 -25.10 -2.40 9.99
CA LEU B 82 -23.92 -1.56 9.79
C LEU B 82 -22.99 -2.16 8.73
N VAL B 83 -22.63 -1.36 7.71
CA VAL B 83 -21.71 -1.75 6.65
C VAL B 83 -20.44 -0.88 6.72
N LEU B 84 -19.27 -1.54 6.81
CA LEU B 84 -17.96 -0.88 6.88
C LEU B 84 -17.12 -1.24 5.64
N LYS B 85 -16.58 -0.23 4.94
CA LYS B 85 -15.83 -0.38 3.68
C LYS B 85 -14.34 -0.07 3.86
N PHE B 86 -13.47 -0.96 3.32
CA PHE B 86 -12.01 -0.88 3.49
C PHE B 86 -11.25 -1.22 2.18
N ALA B 87 -10.01 -0.71 2.06
CA ALA B 87 -9.02 -1.15 1.05
C ALA B 87 -7.61 -0.94 1.60
N GLU B 88 -6.67 -1.85 1.22
CA GLU B 88 -5.25 -1.74 1.60
C GLU B 88 -4.47 -1.13 0.41
N VAL B 89 -4.11 0.15 0.53
CA VAL B 89 -3.49 0.89 -0.58
C VAL B 89 -1.97 1.06 -0.40
N TYR B 90 -1.37 0.40 0.61
CA TYR B 90 0.07 0.53 0.90
C TYR B 90 0.80 -0.82 0.94
N PHE B 91 0.36 -1.76 1.79
CA PHE B 91 1.04 -3.04 2.00
C PHE B 91 0.60 -4.12 1.00
N ALA B 92 1.45 -5.16 0.84
CA ALA B 92 1.18 -6.30 -0.04
C ALA B 92 1.73 -7.63 0.52
N GLN B 93 1.67 -7.81 1.85
CA GLN B 93 1.95 -9.06 2.56
C GLN B 93 1.01 -9.14 3.77
N SER B 94 0.79 -10.36 4.29
CA SER B 94 -0.05 -10.53 5.48
C SER B 94 0.73 -10.14 6.75
N GLN B 95 -0.03 -9.89 7.83
CA GLN B 95 0.54 -9.51 9.13
C GLN B 95 1.43 -8.26 9.05
N GLN B 96 1.03 -7.28 8.23
CA GLN B 96 1.64 -5.95 8.17
C GLN B 96 0.76 -4.87 8.80
N LYS B 97 -0.56 -4.87 8.51
CA LYS B 97 -1.58 -4.04 9.17
C LYS B 97 -2.71 -4.93 9.67
N VAL B 98 -2.96 -4.93 10.99
CA VAL B 98 -3.98 -5.76 11.66
C VAL B 98 -4.64 -4.94 12.78
N PHE B 99 -5.98 -4.96 12.88
CA PHE B 99 -6.68 -4.19 13.93
C PHE B 99 -8.06 -4.79 14.25
N ASP B 100 -8.57 -4.49 15.47
CA ASP B 100 -9.92 -4.89 15.91
C ASP B 100 -10.93 -3.75 15.67
N VAL B 101 -12.22 -4.12 15.52
CA VAL B 101 -13.34 -3.18 15.47
C VAL B 101 -14.28 -3.48 16.64
N ARG B 102 -14.69 -2.43 17.39
CA ARG B 102 -15.57 -2.53 18.56
C ARG B 102 -16.83 -1.66 18.42
N LEU B 103 -17.94 -2.15 18.97
CA LEU B 103 -19.23 -1.45 18.98
C LEU B 103 -19.72 -1.38 20.42
N ASN B 104 -19.77 -0.18 20.99
CA ASN B 104 -20.14 0.01 22.40
C ASN B 104 -19.36 -0.95 23.31
N GLY B 105 -18.09 -1.17 22.97
CA GLY B 105 -17.23 -2.05 23.74
C GLY B 105 -17.20 -3.51 23.30
N HIS B 106 -18.19 -3.98 22.54
CA HIS B 106 -18.21 -5.37 22.09
C HIS B 106 -17.27 -5.53 20.88
N VAL B 107 -16.37 -6.50 20.92
CA VAL B 107 -15.50 -6.77 19.77
C VAL B 107 -16.31 -7.47 18.70
N VAL B 108 -16.52 -6.81 17.55
CA VAL B 108 -17.35 -7.35 16.47
C VAL B 108 -16.55 -7.83 15.25
N VAL B 109 -15.30 -7.37 15.06
CA VAL B 109 -14.36 -7.95 14.10
C VAL B 109 -13.01 -8.09 14.81
N LYS B 110 -12.52 -9.33 14.91
CA LYS B 110 -11.24 -9.63 15.58
C LYS B 110 -10.13 -9.84 14.55
N ASP B 111 -9.02 -9.10 14.73
CA ASP B 111 -7.81 -9.26 13.90
C ASP B 111 -8.07 -9.10 12.39
N LEU B 112 -8.69 -7.98 12.01
CA LEU B 112 -8.93 -7.68 10.59
C LEU B 112 -7.60 -7.40 9.87
N ASP B 113 -7.28 -8.23 8.87
CA ASP B 113 -6.10 -8.09 8.00
C ASP B 113 -6.63 -7.96 6.56
N ILE B 114 -6.78 -6.70 6.10
CA ILE B 114 -7.41 -6.43 4.80
C ILE B 114 -6.66 -7.14 3.67
N PHE B 115 -5.32 -7.02 3.63
CA PHE B 115 -4.56 -7.70 2.57
C PHE B 115 -4.80 -9.21 2.57
N ASP B 116 -4.78 -9.85 3.74
CA ASP B 116 -4.94 -11.32 3.80
C ASP B 116 -6.25 -11.75 3.14
N ARG B 117 -7.34 -10.98 3.32
CA ARG B 117 -8.68 -11.33 2.85
C ARG B 117 -8.90 -11.08 1.36
N VAL B 118 -8.31 -10.01 0.79
CA VAL B 118 -8.66 -9.59 -0.59
C VAL B 118 -7.48 -9.21 -1.49
N GLY B 119 -6.27 -9.03 -0.93
CA GLY B 119 -5.13 -8.54 -1.74
C GLY B 119 -4.91 -7.03 -1.68
N HIS B 120 -4.02 -6.53 -2.57
CA HIS B 120 -3.64 -5.10 -2.64
C HIS B 120 -4.62 -4.33 -3.53
N SER B 121 -4.98 -3.11 -3.10
CA SER B 121 -5.78 -2.17 -3.91
C SER B 121 -7.13 -2.77 -4.38
N THR B 122 -7.84 -3.43 -3.45
CA THR B 122 -9.07 -4.19 -3.71
C THR B 122 -10.10 -3.96 -2.59
N ALA B 123 -11.37 -3.77 -2.95
CA ALA B 123 -12.44 -3.53 -1.97
C ALA B 123 -12.75 -4.73 -1.07
N HIS B 124 -12.98 -4.47 0.25
CA HIS B 124 -13.43 -5.44 1.26
C HIS B 124 -14.45 -4.80 2.19
N ASP B 125 -15.64 -5.43 2.36
CA ASP B 125 -16.70 -4.91 3.25
C ASP B 125 -17.01 -5.89 4.38
N GLU B 126 -17.25 -5.35 5.59
CA GLU B 126 -17.79 -6.11 6.73
C GLU B 126 -19.26 -5.72 6.97
N ILE B 127 -20.12 -6.72 7.19
CA ILE B 127 -21.57 -6.53 7.31
C ILE B 127 -22.03 -7.03 8.70
N ILE B 128 -22.56 -6.13 9.54
CA ILE B 128 -22.82 -6.40 10.96
C ILE B 128 -24.28 -6.08 11.31
N PRO B 129 -25.14 -7.11 11.42
CA PRO B 129 -26.54 -6.85 11.86
C PRO B 129 -26.63 -6.58 13.36
N MET B 130 -27.63 -5.77 13.75
CA MET B 130 -27.89 -5.47 15.16
C MET B 130 -29.36 -5.13 15.38
N SER B 131 -29.77 -5.09 16.67
CA SER B 131 -31.12 -4.70 17.08
C SER B 131 -31.05 -3.71 18.25
N ILE B 132 -31.96 -2.74 18.24
CA ILE B 132 -32.14 -1.79 19.35
C ILE B 132 -33.59 -1.87 19.79
N ARG B 133 -33.83 -2.41 20.98
CA ARG B 133 -35.18 -2.71 21.45
C ARG B 133 -35.22 -2.74 22.98
N LYS B 134 -36.27 -2.15 23.55
CA LYS B 134 -36.54 -2.21 25.00
C LYS B 134 -35.37 -1.68 25.82
N GLY B 135 -34.73 -0.63 25.32
CA GLY B 135 -33.60 -0.02 25.98
C GLY B 135 -32.26 -0.72 25.84
N LYS B 136 -32.14 -1.72 24.96
CA LYS B 136 -30.92 -2.53 24.82
C LYS B 136 -30.37 -2.52 23.38
N LEU B 137 -29.04 -2.66 23.27
CA LEU B 137 -28.35 -3.02 22.03
C LEU B 137 -28.04 -4.51 22.05
N SER B 138 -28.33 -5.21 20.94
CA SER B 138 -28.00 -6.62 20.78
C SER B 138 -27.18 -6.82 19.51
N VAL B 139 -26.00 -7.44 19.65
CA VAL B 139 -25.09 -7.65 18.52
C VAL B 139 -24.30 -8.94 18.77
N GLN B 140 -24.32 -9.86 17.79
CA GLN B 140 -23.59 -11.13 17.86
C GLN B 140 -23.89 -11.91 19.13
N GLY B 141 -25.14 -11.86 19.58
CA GLY B 141 -25.54 -12.59 20.76
C GLY B 141 -25.14 -11.99 22.09
N GLU B 142 -24.69 -10.73 22.12
CA GLU B 142 -24.36 -10.03 23.35
C GLU B 142 -25.26 -8.81 23.51
N VAL B 143 -25.61 -8.49 24.77
CA VAL B 143 -26.62 -7.46 25.09
C VAL B 143 -26.09 -6.49 26.14
N SER B 144 -26.37 -5.20 25.95
CA SER B 144 -26.00 -4.16 26.91
C SER B 144 -26.94 -2.95 26.77
N THR B 145 -26.85 -2.03 27.76
CA THR B 145 -27.76 -0.88 27.83
C THR B 145 -27.47 0.15 26.73
N PHE B 146 -28.50 0.59 26.00
CA PHE B 146 -28.36 1.61 24.95
C PHE B 146 -28.89 2.96 25.43
N THR B 147 -28.08 4.02 25.28
CA THR B 147 -28.39 5.35 25.81
C THR B 147 -28.87 6.35 24.76
N GLY B 148 -28.86 5.99 23.48
CA GLY B 148 -29.17 6.92 22.40
C GLY B 148 -28.06 7.09 21.40
N LYS B 149 -26.82 6.69 21.72
CA LYS B 149 -25.67 6.84 20.85
C LYS B 149 -24.87 5.55 20.73
N LEU B 150 -24.46 5.22 19.50
CA LEU B 150 -23.55 4.11 19.18
C LEU B 150 -22.12 4.64 19.00
N TYR B 151 -21.14 3.95 19.61
CA TYR B 151 -19.72 4.32 19.46
C TYR B 151 -18.99 3.23 18.66
N ILE B 152 -18.55 3.57 17.43
CA ILE B 152 -17.87 2.67 16.52
C ILE B 152 -16.36 2.95 16.59
N GLU B 153 -15.56 1.99 17.11
CA GLU B 153 -14.14 2.20 17.39
C GLU B 153 -13.21 1.30 16.56
N PHE B 154 -12.08 1.88 16.09
CA PHE B 154 -11.02 1.19 15.35
C PHE B 154 -9.76 1.20 16.23
N VAL B 155 -9.31 0.00 16.68
CA VAL B 155 -8.42 -0.17 17.85
C VAL B 155 -6.96 -0.37 17.43
N LYS B 156 -6.03 0.38 18.05
CA LYS B 156 -4.60 0.30 17.73
C LYS B 156 -3.93 -0.89 18.42
N GLY B 157 -3.34 -1.77 17.62
CA GLY B 157 -2.54 -2.89 18.10
C GLY B 157 -1.07 -2.76 17.73
N TYR B 158 -0.38 -3.89 17.54
CA TYR B 158 1.05 -3.88 17.28
C TYR B 158 1.42 -3.69 15.79
N TYR B 159 0.53 -4.07 14.86
CA TYR B 159 0.86 -4.11 13.41
C TYR B 159 0.23 -2.90 12.69
N ASP B 160 1.02 -1.85 12.49
CA ASP B 160 0.60 -0.61 11.78
C ASP B 160 -0.66 0.01 12.42
N ASN B 161 -1.45 0.76 11.62
CA ASN B 161 -2.47 1.69 12.11
C ASN B 161 -3.90 1.28 11.71
N PRO B 162 -4.88 1.42 12.63
CA PRO B 162 -6.29 1.21 12.24
C PRO B 162 -6.75 2.26 11.22
N LYS B 163 -7.71 1.88 10.36
CA LYS B 163 -8.23 2.76 9.30
C LYS B 163 -9.65 2.39 8.90
N VAL B 164 -10.34 3.32 8.20
CA VAL B 164 -11.64 3.05 7.56
C VAL B 164 -11.80 3.95 6.33
N CYS B 165 -12.49 3.44 5.29
CA CYS B 165 -12.73 4.20 4.04
C CYS B 165 -14.13 4.81 3.92
N ALA B 166 -15.18 4.06 4.27
CA ALA B 166 -16.56 4.58 4.25
C ALA B 166 -17.43 3.71 5.15
N LEU B 167 -18.61 4.23 5.51
CA LEU B 167 -19.51 3.51 6.41
C LEU B 167 -20.97 4.00 6.32
N TYR B 168 -21.93 3.08 6.54
CA TYR B 168 -23.37 3.43 6.53
C TYR B 168 -24.20 2.49 7.41
N ILE B 169 -25.33 3.01 7.92
CA ILE B 169 -26.32 2.24 8.68
C ILE B 169 -27.70 2.36 8.01
N MET B 170 -28.35 1.19 7.77
CA MET B 170 -29.68 1.14 7.17
C MET B 170 -30.65 0.35 8.04
N ALA B 171 -31.92 0.77 8.04
CA ALA B 171 -32.98 0.00 8.69
C ALA B 171 -33.35 -1.21 7.83
N GLY B 172 -33.34 -2.41 8.44
CA GLY B 172 -33.63 -3.64 7.73
C GLY B 172 -32.79 -4.82 8.24
N THR B 173 -32.71 -5.86 7.43
CA THR B 173 -31.96 -7.08 7.75
C THR B 173 -30.95 -7.39 6.62
N VAL B 174 -30.15 -8.43 6.83
CA VAL B 174 -28.96 -8.65 5.97
C VAL B 174 -29.33 -8.94 4.52
N ASP B 175 -30.46 -9.61 4.26
CA ASP B 175 -30.87 -9.85 2.87
C ASP B 175 -31.13 -8.57 2.08
N ASP B 176 -31.30 -7.42 2.75
CA ASP B 176 -31.57 -6.15 2.08
C ASP B 176 -30.31 -5.44 1.58
N VAL B 177 -29.13 -5.88 2.00
CA VAL B 177 -27.87 -5.16 1.78
C VAL B 177 -27.22 -5.55 0.45
N PRO B 178 -26.86 -4.59 -0.41
CA PRO B 178 -26.11 -4.96 -1.65
C PRO B 178 -24.74 -5.55 -1.34
N LYS B 179 -24.41 -6.67 -2.00
CA LYS B 179 -23.17 -7.42 -1.78
C LYS B 179 -22.14 -7.16 -2.88
N LEU B 180 -20.85 -7.09 -2.50
CA LEU B 180 -19.76 -7.04 -3.48
C LEU B 180 -19.74 -8.34 -4.28
N GLN B 181 -19.23 -8.27 -5.52
CA GLN B 181 -19.13 -9.49 -6.34
C GLN B 181 -18.20 -10.53 -5.70
N PRO B 182 -18.41 -11.82 -5.98
CA PRO B 182 -17.52 -12.85 -5.42
C PRO B 182 -16.07 -12.62 -5.81
N HIS B 183 -15.16 -12.83 -4.87
CA HIS B 183 -13.77 -12.49 -5.12
C HIS B 183 -12.87 -13.73 -5.10
N PRO B 184 -12.24 -14.06 -6.24
CA PRO B 184 -11.45 -15.25 -6.50
C PRO B 184 -9.97 -15.01 -6.22
C1 GLC C . 25.16 14.77 -7.86
C2 GLC C . 24.79 13.34 -7.63
C3 GLC C . 24.15 12.77 -8.82
C4 GLC C . 22.96 13.56 -9.26
C5 GLC C . 23.30 15.05 -9.54
C6 GLC C . 22.15 15.84 -9.87
O1 GLC C . 26.14 14.83 -8.86
O2 GLC C . 25.99 12.56 -7.20
O3 GLC C . 23.74 11.37 -8.57
O4 GLC C . 22.37 12.99 -10.44
O5 GLC C . 23.99 15.56 -8.27
O6 GLC C . 21.28 15.99 -8.77
C1 DIO D . 5.35 -1.88 0.14
C2 DIO D . 7.12 -0.42 -0.22
C1' DIO D . 5.03 -1.16 1.44
C2' DIO D . 6.78 0.29 1.09
O1 DIO D . 6.01 -1.05 -0.77
O1' DIO D . 6.17 -0.57 1.99
S SO4 E . 14.87 14.63 1.29
O1 SO4 E . 16.19 14.78 0.67
O2 SO4 E . 14.40 13.26 1.20
O3 SO4 E . 14.95 15.04 2.70
O4 SO4 E . 13.93 15.48 0.57
C1 GLC F . 0.10 4.96 6.48
C2 GLC F . -1.25 4.52 6.95
C3 GLC F . -1.97 3.84 5.87
C4 GLC F . -2.10 4.68 4.64
C5 GLC F . -0.72 5.15 4.10
C6 GLC F . -0.82 6.05 3.00
O1 GLC F . 0.88 3.83 6.21
O2 GLC F . -1.09 3.68 8.16
O3 GLC F . -3.32 3.43 6.35
O4 GLC F . -2.80 3.98 3.60
O5 GLC F . 0.01 5.82 5.29
O6 GLC F . -1.38 7.30 3.38
C1 DIO G . -26.03 11.72 8.40
C2 DIO G . -23.73 11.33 8.52
C1' DIO G . -25.80 13.10 9.01
C2' DIO G . -23.56 12.72 9.11
O1 DIO G . -24.90 11.23 7.74
O1' DIO G . -24.69 13.09 9.85
S SO4 H . -7.52 16.26 8.57
O1 SO4 H . -7.37 16.83 7.23
O2 SO4 H . -7.32 17.29 9.59
O3 SO4 H . -8.85 15.68 8.68
O4 SO4 H . -6.49 15.22 8.73
#